data_3NN6
#
_entry.id   3NN6
#
_cell.length_a   164.184
_cell.length_b   164.184
_cell.length_c   164.184
_cell.angle_alpha   90.00
_cell.angle_beta   90.00
_cell.angle_gamma   90.00
#
_symmetry.space_group_name_H-M   'P 4 3 2'
#
loop_
_entity.id
_entity.type
_entity.pdbx_description
1 polymer '6-hydroxy-L-nicotine oxidase'
2 non-polymer 5-[(2R)-1-methylpyrrolidin-2-yl]pyridin-2-ol
3 non-polymer '(2R,3S,4S)-5-({[(acetylcarbamoyl)amino]methyl}[(3S,4R)-6-amino-3,4-dimethylhexyl]amino)-2,3,4-trihydroxypentyl [(2R,3S,4R,5R)-5-(6-amino-9H-purin-9-yl)-3,4-dihydroxytetrahydrofuran-2-yl]methyl dihydrogen diphosphate (non-preferred name)'
4 non-polymer '(1R)-2-{[(S)-(2-aminoethoxy)(hydroxy)phosphoryl]oxy}-1-[(pentadecanoyloxy)methyl]ethyl (12E)-hexadeca-9,12-dienoate'
5 water water
#
_entity_poly.entity_id   1
_entity_poly.type   'polypeptide(L)'
_entity_poly.pdbx_seq_one_letter_code
;MYDAIVVGGGFSGLKAARDLTNAGKKVLLLEGGERLGGRAYSRESRNVPGLRVEIGGAYLHRKHHPRLAAELDRYGIPTA
AASEFTSFRHRLGPTAVDQAFPIPGSEAVAVEAATYTLLRDAHRIDLEKGLENQDLEDLDIPLNEYVDKLDLPPVSRQFL
LAWAWNMLGQPADQASALWMLQLVAAHHYSILGVVLSLDEVFSNGSADLVDAMSQEIPEIRLQTVVTGIDQSGDVVNVTV
KDGHAFQAHSVIVATPMNTWRRIVFTPALPERRRSVIEEGHGGQGLKILIHVRGAEAGIECVGDGIFPTLYDYCEVSESE
RLLVAFTDSGSFDPTDIGAVKDAVLYYLPEVEVLGIDYHDWIADPLFEGPWVAPRVGQFSRVHKELGEPAGRIHFVGSDV
SLEFPGYIEGALETAECAVNAILHSHHHHHH
;
_entity_poly.pdbx_strand_id   X
#
# COMPACT_ATOMS: atom_id res chain seq x y z
N MET A 1 5.95 -33.69 -3.81
CA MET A 1 6.00 -32.73 -2.67
C MET A 1 7.21 -31.79 -2.80
N TYR A 2 7.09 -30.60 -2.24
CA TYR A 2 8.07 -29.54 -2.39
C TYR A 2 8.68 -29.23 -1.03
N ASP A 3 9.86 -28.65 -1.01
CA ASP A 3 10.36 -27.97 0.18
C ASP A 3 9.44 -26.86 0.66
N ALA A 4 8.92 -26.08 -0.28
CA ALA A 4 8.08 -24.93 0.05
C ALA A 4 7.03 -24.69 -1.02
N ILE A 5 5.80 -24.48 -0.58
CA ILE A 5 4.81 -23.86 -1.41
C ILE A 5 4.65 -22.39 -1.05
N VAL A 6 4.73 -21.54 -2.05
CA VAL A 6 4.42 -20.14 -1.87
C VAL A 6 3.06 -19.81 -2.41
N VAL A 7 2.23 -19.23 -1.56
CA VAL A 7 0.88 -18.86 -1.93
C VAL A 7 0.73 -17.36 -2.20
N GLY A 8 0.51 -17.03 -3.46
CA GLY A 8 0.44 -15.65 -3.90
C GLY A 8 1.67 -15.14 -4.63
N GLY A 9 1.45 -14.54 -5.79
CA GLY A 9 2.54 -14.07 -6.62
C GLY A 9 2.64 -12.57 -6.76
N GLY A 10 2.36 -11.85 -5.69
CA GLY A 10 2.87 -10.50 -5.52
C GLY A 10 4.36 -10.47 -5.27
N PHE A 11 4.88 -9.30 -4.93
CA PHE A 11 6.31 -9.12 -4.80
C PHE A 11 6.91 -9.99 -3.70
N SER A 12 6.16 -10.17 -2.64
CA SER A 12 6.58 -10.93 -1.49
C SER A 12 6.75 -12.42 -1.82
N GLY A 13 5.72 -13.02 -2.42
CA GLY A 13 5.77 -14.37 -2.92
C GLY A 13 6.85 -14.60 -3.96
N LEU A 14 6.97 -13.66 -4.89
CA LEU A 14 8.00 -13.70 -5.91
C LEU A 14 9.39 -13.71 -5.30
N LYS A 15 9.67 -12.77 -4.41
CA LYS A 15 10.93 -12.75 -3.72
C LYS A 15 11.17 -14.06 -2.98
N ALA A 16 10.21 -14.45 -2.16
CA ALA A 16 10.40 -15.67 -1.33
C ALA A 16 10.62 -16.90 -2.23
N ALA A 17 9.80 -17.06 -3.30
CA ALA A 17 9.93 -18.25 -4.15
C ALA A 17 11.26 -18.20 -4.83
N ARG A 18 11.69 -17.00 -5.27
CA ARG A 18 12.98 -16.93 -6.03
C ARG A 18 14.18 -17.22 -5.06
N ASP A 19 14.17 -16.60 -3.90
CA ASP A 19 15.35 -16.70 -3.08
C ASP A 19 15.43 -18.12 -2.48
N LEU A 20 14.28 -18.75 -2.18
CA LEU A 20 14.34 -20.17 -1.72
C LEU A 20 14.84 -21.04 -2.87
N THR A 21 14.38 -20.78 -4.09
CA THR A 21 14.94 -21.49 -5.24
C THR A 21 16.44 -21.29 -5.30
N ASN A 22 16.96 -20.05 -5.17
CA ASN A 22 18.37 -19.90 -5.44
C ASN A 22 19.23 -20.50 -4.33
N ALA A 23 18.58 -20.75 -3.21
CA ALA A 23 19.21 -21.41 -2.10
C ALA A 23 19.28 -22.93 -2.26
N GLY A 24 18.79 -23.45 -3.39
CA GLY A 24 18.70 -24.89 -3.59
C GLY A 24 17.43 -25.54 -3.05
N LYS A 25 16.38 -24.82 -2.67
CA LYS A 25 15.14 -25.48 -2.31
C LYS A 25 14.26 -25.76 -3.51
N LYS A 26 13.46 -26.81 -3.37
CA LYS A 26 12.46 -27.16 -4.38
C LYS A 26 11.12 -26.46 -4.08
N VAL A 27 10.76 -25.48 -4.92
CA VAL A 27 9.65 -24.55 -4.60
C VAL A 27 8.51 -24.60 -5.62
N LEU A 28 7.28 -24.45 -5.17
CA LEU A 28 6.17 -24.25 -6.05
C LEU A 28 5.46 -22.91 -5.63
N LEU A 29 5.11 -22.07 -6.60
CA LEU A 29 4.37 -20.87 -6.41
C LEU A 29 3.01 -21.02 -7.04
N LEU A 30 1.96 -20.86 -6.20
CA LEU A 30 0.58 -20.88 -6.66
C LEU A 30 0.00 -19.43 -6.60
N GLU A 31 -0.48 -18.94 -7.74
CA GLU A 31 -1.11 -17.65 -7.86
C GLU A 31 -2.54 -17.89 -8.35
N GLY A 32 -3.51 -17.34 -7.64
CA GLY A 32 -4.91 -17.53 -7.96
C GLY A 32 -5.38 -16.84 -9.23
N GLY A 33 -4.73 -15.74 -9.58
CA GLY A 33 -5.14 -14.94 -10.71
C GLY A 33 -4.46 -15.30 -12.02
N GLU A 34 -4.70 -14.47 -13.03
CA GLU A 34 -4.16 -14.68 -14.36
C GLU A 34 -2.90 -13.88 -14.59
N ARG A 35 -2.45 -13.19 -13.56
CA ARG A 35 -1.26 -12.35 -13.67
C ARG A 35 -0.45 -12.41 -12.39
N LEU A 36 0.81 -12.04 -12.49
CA LEU A 36 1.64 -11.85 -11.32
C LEU A 36 1.80 -10.37 -10.98
N GLY A 37 2.10 -10.09 -9.73
CA GLY A 37 2.33 -8.73 -9.30
C GLY A 37 1.42 -8.26 -8.18
N GLY A 38 0.21 -8.76 -8.15
CA GLY A 38 -0.70 -8.45 -7.08
C GLY A 38 -1.14 -7.00 -7.06
N ARG A 39 -0.88 -6.31 -5.96
CA ARG A 39 -1.31 -4.92 -5.80
C ARG A 39 -0.34 -3.98 -6.49
N ALA A 40 0.69 -4.56 -7.14
CA ALA A 40 1.44 -3.79 -8.11
C ALA A 40 0.93 -4.29 -9.48
N TYR A 41 0.15 -3.45 -10.18
CA TYR A 41 -0.60 -3.81 -11.35
C TYR A 41 -0.40 -2.75 -12.44
N SER A 42 0.48 -2.99 -13.40
CA SER A 42 0.50 -2.20 -14.64
C SER A 42 -0.25 -2.87 -15.73
N ARG A 43 -0.98 -2.07 -16.50
CA ARG A 43 -1.81 -2.57 -17.58
C ARG A 43 -2.17 -1.43 -18.53
N GLU A 44 -2.94 -1.75 -19.55
CA GLU A 44 -3.47 -0.75 -20.48
C GLU A 44 -4.54 0.09 -19.81
N SER A 45 -4.46 1.40 -20.01
CA SER A 45 -5.54 2.33 -19.69
C SER A 45 -6.88 1.93 -20.28
N ARG A 46 -7.90 1.91 -19.44
CA ARG A 46 -9.27 1.93 -19.92
CA ARG A 46 -9.24 1.92 -19.95
C ARG A 46 -9.73 3.13 -20.72
N ASN A 47 -9.06 4.25 -20.52
CA ASN A 47 -9.51 5.50 -21.12
C ASN A 47 -8.72 5.76 -22.38
N VAL A 48 -7.45 5.38 -22.35
CA VAL A 48 -6.51 5.74 -23.39
C VAL A 48 -5.88 4.49 -24.00
N PRO A 49 -6.39 4.09 -25.16
CA PRO A 49 -5.87 2.92 -25.85
C PRO A 49 -4.38 3.00 -26.07
N GLY A 50 -3.66 1.94 -25.70
CA GLY A 50 -2.24 1.85 -25.94
C GLY A 50 -1.39 2.45 -24.84
N LEU A 51 -2.04 3.00 -23.83
CA LEU A 51 -1.34 3.70 -22.77
C LEU A 51 -1.18 2.82 -21.54
N ARG A 52 0.06 2.65 -21.11
CA ARG A 52 0.38 1.84 -19.94
C ARG A 52 0.33 2.64 -18.65
N VAL A 53 -0.50 2.20 -17.73
CA VAL A 53 -0.66 2.89 -16.46
C VAL A 53 -0.38 1.95 -15.29
N GLU A 54 0.09 2.52 -14.20
CA GLU A 54 0.07 1.85 -12.92
C GLU A 54 -1.23 2.05 -12.18
N ILE A 55 -2.03 1.00 -12.14
CA ILE A 55 -3.29 1.04 -11.45
C ILE A 55 -3.16 0.73 -9.97
N GLY A 56 -2.10 0.06 -9.58
CA GLY A 56 -1.75 -0.03 -8.18
C GLY A 56 -0.55 0.80 -7.85
N GLY A 57 0.40 0.19 -7.15
CA GLY A 57 1.42 0.92 -6.41
C GLY A 57 2.60 1.37 -7.24
N ALA A 58 2.69 2.67 -7.44
CA ALA A 58 3.59 3.24 -8.44
C ALA A 58 4.97 3.66 -7.89
N TYR A 59 5.01 4.21 -6.68
CA TYR A 59 6.12 5.07 -6.27
C TYR A 59 7.12 4.39 -5.34
N LEU A 60 8.36 4.86 -5.38
CA LEU A 60 9.45 4.35 -4.54
C LEU A 60 10.46 5.44 -4.19
N HIS A 61 11.30 5.20 -3.17
CA HIS A 61 12.31 6.11 -2.81
C HIS A 61 13.46 5.24 -2.39
N ARG A 62 14.49 5.22 -3.22
CA ARG A 62 15.71 4.53 -2.91
CA ARG A 62 15.72 4.54 -2.93
C ARG A 62 16.30 4.60 -1.53
N LYS A 63 16.22 5.76 -0.91
CA LYS A 63 16.78 5.89 0.43
C LYS A 63 15.96 5.15 1.46
N HIS A 64 14.65 5.27 1.38
CA HIS A 64 13.78 4.59 2.33
C HIS A 64 13.62 3.11 2.00
N HIS A 65 14.00 2.71 0.79
CA HIS A 65 13.61 1.40 0.26
C HIS A 65 14.77 0.62 -0.30
N PRO A 66 15.71 0.24 0.55
CA PRO A 66 16.98 -0.35 0.07
C PRO A 66 16.82 -1.73 -0.55
N ARG A 67 15.86 -2.53 -0.11
CA ARG A 67 15.69 -3.82 -0.76
C ARG A 67 15.15 -3.59 -2.14
N LEU A 68 14.14 -2.70 -2.28
CA LEU A 68 13.66 -2.43 -3.65
C LEU A 68 14.80 -1.85 -4.56
N ALA A 69 15.59 -0.91 -4.02
CA ALA A 69 16.71 -0.40 -4.80
C ALA A 69 17.60 -1.54 -5.28
N ALA A 70 17.88 -2.50 -4.41
CA ALA A 70 18.76 -3.59 -4.78
C ALA A 70 18.18 -4.46 -5.87
N GLU A 71 16.87 -4.68 -5.84
CA GLU A 71 16.20 -5.37 -6.92
C GLU A 71 16.29 -4.64 -8.25
N LEU A 72 16.06 -3.33 -8.22
CA LEU A 72 16.19 -2.52 -9.41
C LEU A 72 17.59 -2.55 -10.01
N ASP A 73 18.58 -2.52 -9.14
CA ASP A 73 19.96 -2.59 -9.56
C ASP A 73 20.38 -3.97 -10.05
N ARG A 74 19.89 -5.00 -9.39
CA ARG A 74 20.16 -6.41 -9.79
C ARG A 74 19.78 -6.67 -11.23
N TYR A 75 18.62 -6.19 -11.59
CA TYR A 75 18.12 -6.45 -12.91
C TYR A 75 18.27 -5.25 -13.87
N GLY A 76 18.92 -4.18 -13.44
CA GLY A 76 19.11 -3.03 -14.31
C GLY A 76 17.81 -2.40 -14.77
N ILE A 77 16.85 -2.37 -13.86
CA ILE A 77 15.55 -1.82 -14.14
C ILE A 77 15.53 -0.30 -14.01
N PRO A 78 15.12 0.37 -15.08
CA PRO A 78 15.18 1.82 -15.14
C PRO A 78 14.05 2.46 -14.38
N THR A 79 14.41 3.48 -13.59
CA THR A 79 13.45 4.33 -12.94
C THR A 79 13.60 5.77 -13.38
N ALA A 80 12.55 6.55 -13.15
CA ALA A 80 12.56 7.96 -13.41
C ALA A 80 11.94 8.70 -12.24
N ALA A 81 12.49 9.87 -11.92
CA ALA A 81 11.78 10.87 -11.14
C ALA A 81 10.31 10.95 -11.49
N ALA A 82 9.49 10.90 -10.45
CA ALA A 82 8.08 11.23 -10.58
C ALA A 82 7.90 12.66 -11.07
N SER A 83 6.83 12.88 -11.81
CA SER A 83 6.47 14.20 -12.30
C SER A 83 6.65 15.26 -11.20
N GLU A 84 7.60 16.17 -11.42
CA GLU A 84 7.75 17.41 -10.66
C GLU A 84 6.46 18.24 -10.65
N PHE A 85 6.08 18.76 -9.49
CA PHE A 85 4.94 19.67 -9.39
C PHE A 85 5.51 21.05 -9.51
N THR A 86 4.97 21.78 -10.48
CA THR A 86 5.35 23.17 -10.71
C THR A 86 4.21 24.16 -10.52
N SER A 87 3.00 23.65 -10.34
CA SER A 87 1.82 24.46 -10.25
C SER A 87 1.00 23.97 -9.08
N PHE A 88 0.66 24.86 -8.16
CA PHE A 88 -0.07 24.45 -6.97
C PHE A 88 -1.45 25.07 -6.89
N ARG A 89 -2.47 24.23 -6.74
CA ARG A 89 -3.79 24.74 -6.79
C ARG A 89 -4.56 24.24 -5.58
N HIS A 90 -4.15 24.64 -4.40
CA HIS A 90 -4.71 24.10 -3.18
C HIS A 90 -6.08 24.65 -2.84
N ARG A 91 -6.82 23.90 -2.05
CA ARG A 91 -7.99 24.43 -1.38
C ARG A 91 -7.83 24.35 0.12
N LEU A 92 -7.13 25.33 0.68
CA LEU A 92 -6.78 25.26 2.05
C LEU A 92 -7.16 26.61 2.66
N GLY A 93 -7.94 27.42 1.92
CA GLY A 93 -8.39 28.71 2.45
C GLY A 93 -7.49 29.85 1.97
N PRO A 94 -7.92 31.07 2.23
CA PRO A 94 -7.28 32.29 1.65
C PRO A 94 -5.86 32.59 2.17
N THR A 95 -5.47 32.11 3.35
CA THR A 95 -4.10 32.34 3.82
C THR A 95 -3.07 31.30 3.31
N ALA A 96 -3.51 30.23 2.62
CA ALA A 96 -2.56 29.20 2.27
C ALA A 96 -1.68 29.79 1.14
N VAL A 97 -0.44 29.37 1.08
CA VAL A 97 0.36 29.79 -0.04
C VAL A 97 0.44 28.65 -1.09
N ASP A 98 0.45 29.03 -2.36
CA ASP A 98 0.45 28.06 -3.43
C ASP A 98 1.87 27.57 -3.72
N GLN A 99 2.38 26.75 -2.81
CA GLN A 99 3.55 25.96 -3.08
C GLN A 99 3.42 24.64 -2.36
N ALA A 100 4.43 23.79 -2.49
CA ALA A 100 4.32 22.44 -2.04
C ALA A 100 4.13 22.36 -0.54
N PHE A 101 4.73 23.30 0.19
CA PHE A 101 4.53 23.35 1.62
C PHE A 101 3.74 24.66 1.79
N PRO A 102 2.45 24.55 2.02
CA PRO A 102 1.56 25.68 1.77
C PRO A 102 1.33 26.48 3.05
N ILE A 103 2.04 26.12 4.10
CA ILE A 103 1.87 26.77 5.39
C ILE A 103 2.38 28.19 5.40
N PRO A 104 1.53 29.13 5.80
CA PRO A 104 1.95 30.52 5.89
C PRO A 104 2.66 30.80 7.20
N GLY A 105 3.38 31.92 7.23
CA GLY A 105 4.20 32.29 8.35
C GLY A 105 3.41 32.46 9.62
N SER A 106 2.17 32.89 9.49
CA SER A 106 1.32 33.09 10.65
C SER A 106 0.95 31.80 11.34
N GLU A 107 1.24 30.67 10.71
CA GLU A 107 1.02 29.38 11.34
C GLU A 107 2.30 28.74 11.83
N ALA A 108 3.42 29.41 11.63
CA ALA A 108 4.72 28.80 11.81
C ALA A 108 4.92 28.28 13.23
N VAL A 109 4.53 29.06 14.20
CA VAL A 109 4.69 28.70 15.60
C VAL A 109 3.85 27.49 15.98
N ALA A 110 2.61 27.46 15.50
CA ALA A 110 1.73 26.32 15.69
C ALA A 110 2.28 25.04 15.08
N VAL A 111 2.86 25.16 13.90
CA VAL A 111 3.45 24.02 13.21
C VAL A 111 4.69 23.50 13.92
N GLU A 112 5.55 24.41 14.35
CA GLU A 112 6.65 24.10 15.24
C GLU A 112 6.24 23.21 16.42
N ALA A 113 5.22 23.63 17.14
CA ALA A 113 4.80 22.94 18.34
C ALA A 113 4.18 21.57 18.02
N ALA A 114 3.37 21.52 16.98
CA ALA A 114 2.77 20.28 16.51
C ALA A 114 3.81 19.30 15.99
N THR A 115 4.81 19.83 15.31
CA THR A 115 5.91 19.02 14.88
C THR A 115 6.59 18.31 16.05
N TYR A 116 6.81 19.02 17.14
CA TYR A 116 7.37 18.39 18.33
C TYR A 116 6.49 17.28 18.89
N THR A 117 5.21 17.57 19.05
CA THR A 117 4.24 16.60 19.52
C THR A 117 4.15 15.35 18.67
N LEU A 118 4.01 15.54 17.36
CA LEU A 118 3.86 14.42 16.45
C LEU A 118 5.08 13.52 16.49
N LEU A 119 6.26 14.12 16.49
CA LEU A 119 7.49 13.34 16.48
C LEU A 119 7.79 12.72 17.85
N ARG A 120 7.51 13.46 18.92
CA ARG A 120 7.51 12.84 20.22
C ARG A 120 6.66 11.60 20.22
N ASP A 121 5.44 11.69 19.75
CA ASP A 121 4.54 10.54 19.81
C ASP A 121 5.13 9.46 18.88
N ALA A 122 5.59 9.82 17.71
CA ALA A 122 6.02 8.76 16.84
C ALA A 122 7.26 8.05 17.40
N HIS A 123 8.09 8.82 18.12
CA HIS A 123 9.32 8.29 18.70
C HIS A 123 9.03 7.27 19.79
N ARG A 124 7.80 7.19 20.29
CA ARG A 124 7.41 6.09 21.23
C ARG A 124 7.41 4.74 20.50
N ILE A 125 7.41 4.72 19.16
CA ILE A 125 7.23 3.48 18.48
C ILE A 125 8.60 2.89 18.10
N ASP A 126 8.86 1.68 18.55
CA ASP A 126 10.07 0.93 18.15
C ASP A 126 9.57 0.04 17.08
N LEU A 127 10.12 0.17 15.91
CA LEU A 127 9.61 -0.55 14.78
C LEU A 127 9.79 -2.07 14.81
N GLU A 128 10.45 -2.64 15.80
CA GLU A 128 10.68 -4.07 15.77
C GLU A 128 9.76 -4.78 16.70
N LYS A 129 9.07 -4.04 17.56
CA LYS A 129 8.36 -4.72 18.64
C LYS A 129 6.94 -5.11 18.33
N GLY A 130 6.30 -4.47 17.34
CA GLY A 130 4.89 -4.70 17.10
C GLY A 130 4.11 -3.65 17.87
N LEU A 131 3.07 -3.15 17.23
CA LEU A 131 2.28 -2.06 17.76
C LEU A 131 1.46 -2.44 18.98
N GLU A 132 1.34 -3.74 19.23
CA GLU A 132 0.57 -4.26 20.36
C GLU A 132 1.41 -4.48 21.61
N ASN A 133 2.71 -4.29 21.50
CA ASN A 133 3.63 -4.65 22.57
C ASN A 133 4.33 -3.46 23.24
N GLN A 134 3.76 -2.26 23.15
CA GLN A 134 4.54 -1.10 23.57
C GLN A 134 3.74 -0.15 24.40
N ASP A 135 2.57 -0.58 24.90
CA ASP A 135 1.77 0.36 25.66
C ASP A 135 1.37 1.57 24.86
N LEU A 136 0.93 1.33 23.60
CA LEU A 136 0.64 2.43 22.68
C LEU A 136 -0.84 2.69 22.54
N GLU A 137 -1.64 1.93 23.31
CA GLU A 137 -3.12 1.97 23.15
C GLU A 137 -3.64 3.35 23.25
N ASP A 138 -3.06 4.19 24.12
CA ASP A 138 -3.62 5.56 24.21
C ASP A 138 -3.57 6.34 22.85
N LEU A 139 -2.66 5.96 21.95
CA LEU A 139 -2.60 6.65 20.64
C LEU A 139 -3.57 6.02 19.64
N ASP A 140 -4.03 4.80 19.94
CA ASP A 140 -4.84 4.04 19.02
C ASP A 140 -6.29 4.50 19.10
N ILE A 141 -6.50 5.71 18.65
CA ILE A 141 -7.79 6.36 18.70
C ILE A 141 -8.03 7.02 17.36
N PRO A 142 -9.24 7.49 17.13
CA PRO A 142 -9.57 8.07 15.83
C PRO A 142 -8.74 9.31 15.55
N LEU A 143 -8.21 9.37 14.33
CA LEU A 143 -7.33 10.44 13.92
C LEU A 143 -7.95 11.81 14.11
N ASN A 144 -9.24 11.93 13.81
CA ASN A 144 -9.86 13.27 13.99
C ASN A 144 -9.74 13.79 15.43
N GLU A 145 -9.83 12.88 16.40
CA GLU A 145 -9.70 13.27 17.83
C GLU A 145 -8.29 13.64 18.18
N TYR A 146 -7.35 12.85 17.66
CA TYR A 146 -5.94 13.14 17.92
C TYR A 146 -5.59 14.52 17.33
N VAL A 147 -6.02 14.73 16.09
CA VAL A 147 -5.73 16.02 15.41
C VAL A 147 -6.44 17.20 16.10
N ASP A 148 -7.63 16.97 16.66
CA ASP A 148 -8.37 18.04 17.36
C ASP A 148 -7.58 18.40 18.57
N LYS A 149 -6.91 17.42 19.21
CA LYS A 149 -6.10 17.77 20.34
C LYS A 149 -4.89 18.64 20.03
N LEU A 150 -4.22 18.46 18.86
CA LEU A 150 -3.13 19.32 18.45
C LEU A 150 -3.60 20.77 18.31
N ASP A 151 -4.91 20.91 18.07
CA ASP A 151 -5.56 22.20 17.89
C ASP A 151 -4.82 23.09 16.88
N LEU A 152 -4.74 22.68 15.62
CA LEU A 152 -3.96 23.40 14.63
C LEU A 152 -4.81 24.46 13.95
N PRO A 153 -4.19 25.58 13.53
CA PRO A 153 -4.85 26.63 12.73
C PRO A 153 -5.15 26.06 11.32
N PRO A 154 -5.95 26.78 10.54
CA PRO A 154 -6.69 26.10 9.44
C PRO A 154 -5.85 25.46 8.34
N VAL A 155 -4.77 26.10 7.88
CA VAL A 155 -4.07 25.59 6.70
C VAL A 155 -3.33 24.28 7.07
N SER A 156 -2.55 24.34 8.15
CA SER A 156 -1.83 23.15 8.53
C SER A 156 -2.72 22.08 9.02
N ARG A 157 -3.80 22.40 9.72
CA ARG A 157 -4.82 21.43 10.05
C ARG A 157 -5.31 20.64 8.84
N GLN A 158 -5.78 21.34 7.82
CA GLN A 158 -6.33 20.69 6.64
C GLN A 158 -5.28 20.02 5.76
N PHE A 159 -4.07 20.55 5.78
CA PHE A 159 -2.96 19.97 5.04
C PHE A 159 -2.60 18.60 5.60
N LEU A 160 -2.55 18.52 6.92
CA LEU A 160 -2.27 17.28 7.61
C LEU A 160 -3.36 16.24 7.39
N LEU A 161 -4.61 16.66 7.55
CA LEU A 161 -5.73 15.77 7.36
C LEU A 161 -5.86 15.27 5.92
N ALA A 162 -5.66 16.16 4.96
CA ALA A 162 -5.74 15.80 3.56
C ALA A 162 -4.73 14.73 3.19
N TRP A 163 -3.49 14.96 3.58
CA TRP A 163 -2.45 14.00 3.33
C TRP A 163 -2.66 12.72 4.12
N ALA A 164 -3.20 12.81 5.32
CA ALA A 164 -3.45 11.57 6.08
C ALA A 164 -4.59 10.74 5.43
N TRP A 165 -5.55 11.46 4.86
CA TRP A 165 -6.66 10.79 4.17
C TRP A 165 -6.15 10.06 2.89
N ASN A 166 -5.36 10.76 2.11
CA ASN A 166 -4.67 10.20 0.96
C ASN A 166 -3.82 8.97 1.37
N MET A 167 -2.97 9.14 2.40
CA MET A 167 -1.99 8.13 2.67
C MET A 167 -2.56 6.87 3.34
N LEU A 168 -3.59 7.01 4.15
CA LEU A 168 -4.09 5.88 4.90
C LEU A 168 -5.23 5.17 4.18
N GLY A 169 -5.82 5.86 3.22
CA GLY A 169 -7.03 5.43 2.59
C GLY A 169 -8.21 5.29 3.54
N GLN A 170 -8.28 6.18 4.53
CA GLN A 170 -9.42 6.27 5.42
C GLN A 170 -9.71 7.72 5.75
N PRO A 171 -10.99 8.03 5.91
CA PRO A 171 -11.39 9.30 6.50
C PRO A 171 -10.95 9.40 7.96
N ALA A 172 -10.89 10.62 8.46
CA ALA A 172 -10.14 10.91 9.68
C ALA A 172 -10.77 10.20 10.86
N ASP A 173 -12.06 9.96 10.79
CA ASP A 173 -12.79 9.37 11.88
C ASP A 173 -12.71 7.85 11.93
N GLN A 174 -12.17 7.26 10.87
CA GLN A 174 -11.97 5.82 10.82
C GLN A 174 -10.50 5.42 10.94
N ALA A 175 -9.61 6.37 10.69
CA ALA A 175 -8.18 6.14 10.78
C ALA A 175 -7.69 6.14 12.22
N SER A 176 -6.71 5.31 12.51
CA SER A 176 -6.03 5.33 13.80
C SER A 176 -4.89 6.33 13.84
N ALA A 177 -4.90 7.22 14.83
CA ALA A 177 -3.80 8.14 15.03
C ALA A 177 -2.49 7.38 15.20
N LEU A 178 -2.56 6.23 15.87
CA LEU A 178 -1.37 5.36 16.04
C LEU A 178 -0.75 4.87 14.72
N TRP A 179 -1.62 4.55 13.78
CA TRP A 179 -1.14 4.07 12.47
C TRP A 179 -0.52 5.25 11.67
N MET A 180 -1.12 6.43 11.75
CA MET A 180 -0.51 7.62 11.18
CA MET A 180 -0.48 7.61 11.15
C MET A 180 0.94 7.78 11.74
N LEU A 181 1.07 7.59 13.07
CA LEU A 181 2.39 7.72 13.74
C LEU A 181 3.35 6.62 13.36
N GLN A 182 2.78 5.40 13.09
CA GLN A 182 3.60 4.31 12.58
C GLN A 182 4.21 4.67 11.20
N LEU A 183 3.40 5.31 10.33
CA LEU A 183 3.94 5.72 8.99
C LEU A 183 4.99 6.79 9.18
N VAL A 184 4.79 7.70 10.11
CA VAL A 184 5.85 8.64 10.46
C VAL A 184 7.13 7.96 10.94
N ALA A 185 6.99 7.03 11.87
CA ALA A 185 8.12 6.22 12.34
C ALA A 185 8.84 5.50 11.21
N ALA A 186 8.09 4.91 10.29
CA ALA A 186 8.65 4.12 9.22
C ALA A 186 9.54 4.93 8.27
N HIS A 187 9.25 6.22 8.17
CA HIS A 187 10.02 7.10 7.31
C HIS A 187 11.11 7.81 8.10
N HIS A 188 11.79 7.06 8.95
CA HIS A 188 12.92 7.60 9.71
CA HIS A 188 12.89 7.57 9.72
C HIS A 188 12.35 8.71 10.60
N TYR A 189 11.23 8.45 11.24
CA TYR A 189 10.60 9.43 12.12
C TYR A 189 10.45 10.80 11.45
N SER A 190 9.83 10.82 10.28
CA SER A 190 9.63 12.03 9.51
C SER A 190 8.19 12.14 9.02
N ILE A 191 7.52 13.21 9.40
CA ILE A 191 6.25 13.58 8.79
C ILE A 191 6.41 13.92 7.32
N LEU A 192 7.35 14.80 7.04
CA LEU A 192 7.64 15.22 5.69
C LEU A 192 7.89 14.03 4.76
N GLY A 193 8.64 13.06 5.26
CA GLY A 193 9.11 11.97 4.42
C GLY A 193 8.01 11.04 3.96
N VAL A 194 6.90 11.02 4.68
CA VAL A 194 5.73 10.28 4.26
C VAL A 194 5.30 10.67 2.85
N VAL A 195 5.38 11.95 2.54
CA VAL A 195 5.02 12.46 1.23
C VAL A 195 6.24 12.52 0.31
N LEU A 196 7.39 12.85 0.87
CA LEU A 196 8.62 12.86 0.10
C LEU A 196 9.01 11.50 -0.48
N SER A 197 8.56 10.41 0.13
CA SER A 197 8.95 9.14 -0.41
C SER A 197 8.22 8.86 -1.76
N LEU A 198 7.27 9.70 -2.18
CA LEU A 198 6.77 9.55 -3.55
C LEU A 198 7.80 10.09 -4.50
N ASP A 199 8.88 9.36 -4.69
CA ASP A 199 10.02 9.99 -5.27
C ASP A 199 10.28 9.55 -6.70
N GLU A 200 10.19 8.24 -6.99
CA GLU A 200 10.54 7.75 -8.33
C GLU A 200 9.49 6.79 -8.76
N VAL A 201 9.52 6.46 -10.05
CA VAL A 201 8.59 5.52 -10.61
C VAL A 201 9.37 4.60 -11.52
N PHE A 202 8.80 3.40 -11.78
CA PHE A 202 9.28 2.46 -12.80
C PHE A 202 9.11 3.12 -14.14
N SER A 203 10.18 3.34 -14.88
CA SER A 203 10.04 3.83 -16.28
C SER A 203 9.12 2.97 -17.14
N ASN A 204 9.21 1.65 -17.00
CA ASN A 204 8.26 0.82 -17.78
C ASN A 204 7.18 0.12 -16.94
N GLY A 205 6.79 0.66 -15.77
CA GLY A 205 5.81 -0.10 -14.96
C GLY A 205 6.49 -1.15 -14.09
N SER A 206 5.81 -1.47 -12.99
CA SER A 206 6.26 -2.41 -11.99
C SER A 206 6.34 -3.83 -12.60
N ALA A 207 5.63 -4.09 -13.70
CA ALA A 207 5.73 -5.38 -14.40
C ALA A 207 7.12 -5.68 -14.81
N ASP A 208 7.92 -4.65 -15.06
CA ASP A 208 9.30 -4.89 -15.42
C ASP A 208 10.00 -5.75 -14.32
N LEU A 209 9.79 -5.37 -13.07
CA LEU A 209 10.45 -6.04 -12.00
C LEU A 209 9.70 -7.39 -11.70
N VAL A 210 8.39 -7.41 -11.75
CA VAL A 210 7.65 -8.67 -11.75
C VAL A 210 8.21 -9.68 -12.75
N ASP A 211 8.40 -9.28 -14.00
CA ASP A 211 8.85 -10.22 -14.99
C ASP A 211 10.27 -10.73 -14.75
N ALA A 212 11.14 -9.85 -14.28
CA ALA A 212 12.52 -10.22 -14.00
C ALA A 212 12.62 -11.26 -12.89
N MET A 213 11.80 -11.10 -11.86
CA MET A 213 11.82 -12.02 -10.76
C MET A 213 11.21 -13.37 -11.11
N SER A 214 10.10 -13.33 -11.82
CA SER A 214 9.38 -14.53 -12.20
C SER A 214 10.19 -15.44 -13.10
N GLN A 215 11.04 -14.84 -13.91
CA GLN A 215 11.88 -15.60 -14.82
C GLN A 215 12.85 -16.51 -14.08
N GLU A 216 13.09 -16.19 -12.81
CA GLU A 216 13.92 -17.01 -11.94
C GLU A 216 13.16 -18.05 -11.11
N ILE A 217 11.86 -18.17 -11.34
CA ILE A 217 11.07 -19.05 -10.53
C ILE A 217 10.66 -20.18 -11.45
N PRO A 218 11.21 -21.42 -11.28
CA PRO A 218 10.99 -22.50 -12.25
C PRO A 218 9.57 -23.03 -12.27
N GLU A 219 8.82 -22.99 -11.18
CA GLU A 219 7.51 -23.55 -11.21
C GLU A 219 6.47 -22.58 -10.64
N ILE A 220 5.57 -22.13 -11.51
CA ILE A 220 4.53 -21.18 -11.11
C ILE A 220 3.23 -21.68 -11.67
N ARG A 221 2.18 -21.82 -10.88
CA ARG A 221 0.87 -22.13 -11.47
C ARG A 221 -0.09 -20.97 -11.29
N LEU A 222 -0.57 -20.44 -12.40
CA LEU A 222 -1.57 -19.35 -12.39
C LEU A 222 -2.94 -19.97 -12.26
N GLN A 223 -3.95 -19.15 -11.99
CA GLN A 223 -5.34 -19.60 -11.86
C GLN A 223 -5.49 -20.74 -10.90
N THR A 224 -4.68 -20.73 -9.86
CA THR A 224 -4.70 -21.75 -8.85
C THR A 224 -4.95 -21.11 -7.49
N VAL A 225 -6.21 -21.15 -7.07
CA VAL A 225 -6.66 -20.52 -5.86
C VAL A 225 -6.58 -21.50 -4.69
N VAL A 226 -5.80 -21.16 -3.69
CA VAL A 226 -5.71 -21.96 -2.48
C VAL A 226 -6.92 -21.77 -1.57
N THR A 227 -7.44 -22.88 -1.07
CA THR A 227 -8.65 -22.90 -0.28
C THR A 227 -8.41 -23.53 1.09
N GLY A 228 -7.36 -24.31 1.24
CA GLY A 228 -7.10 -24.95 2.54
C GLY A 228 -5.61 -25.16 2.72
N ILE A 229 -5.16 -24.99 3.95
CA ILE A 229 -3.79 -25.28 4.32
C ILE A 229 -3.76 -26.09 5.61
N ASP A 230 -3.36 -27.34 5.49
CA ASP A 230 -3.52 -28.33 6.54
C ASP A 230 -2.16 -28.89 6.94
N GLN A 231 -1.71 -28.51 8.13
CA GLN A 231 -0.46 -28.97 8.70
C GLN A 231 -0.63 -29.97 9.86
N SER A 232 -1.77 -30.64 9.87
CA SER A 232 -2.06 -31.72 10.82
C SER A 232 -1.16 -32.95 10.69
N GLY A 233 -0.82 -33.30 9.45
CA GLY A 233 0.16 -34.34 9.19
C GLY A 233 1.61 -33.91 9.25
N ASP A 234 2.51 -34.85 8.98
CA ASP A 234 3.94 -34.61 8.99
C ASP A 234 4.37 -33.60 7.93
N VAL A 235 3.61 -33.55 6.84
CA VAL A 235 3.86 -32.68 5.70
C VAL A 235 2.59 -31.87 5.40
N VAL A 236 2.77 -30.59 5.11
CA VAL A 236 1.64 -29.71 4.88
C VAL A 236 0.90 -30.05 3.59
N ASN A 237 -0.42 -30.10 3.68
CA ASN A 237 -1.25 -30.33 2.51
C ASN A 237 -2.00 -29.08 2.07
N VAL A 238 -1.79 -28.69 0.83
CA VAL A 238 -2.37 -27.49 0.29
C VAL A 238 -3.43 -27.81 -0.73
N THR A 239 -4.63 -27.39 -0.42
CA THR A 239 -5.83 -27.72 -1.13
C THR A 239 -6.24 -26.49 -1.95
N VAL A 240 -6.93 -26.70 -3.06
CA VAL A 240 -6.93 -25.77 -4.19
C VAL A 240 -8.30 -25.85 -4.88
N LYS A 241 -8.81 -24.76 -5.47
CA LYS A 241 -10.21 -24.75 -5.78
C LYS A 241 -10.67 -25.89 -6.69
N ASP A 242 -9.98 -26.07 -7.82
CA ASP A 242 -10.39 -27.05 -8.82
CA ASP A 242 -10.38 -27.09 -8.83
C ASP A 242 -9.16 -27.90 -9.19
N GLY A 243 -8.71 -28.73 -8.28
CA GLY A 243 -7.54 -29.50 -8.65
C GLY A 243 -7.09 -30.34 -7.50
N HIS A 244 -6.09 -31.13 -7.81
CA HIS A 244 -5.48 -31.95 -6.77
C HIS A 244 -4.56 -31.10 -5.89
N ALA A 245 -4.57 -31.43 -4.61
CA ALA A 245 -3.69 -30.88 -3.61
C ALA A 245 -2.22 -30.95 -3.94
N PHE A 246 -1.47 -30.09 -3.26
CA PHE A 246 -0.03 -30.07 -3.31
C PHE A 246 0.52 -30.14 -1.88
N GLN A 247 1.71 -30.71 -1.74
CA GLN A 247 2.33 -30.90 -0.43
C GLN A 247 3.73 -30.28 -0.34
N ALA A 248 4.11 -29.86 0.87
CA ALA A 248 5.39 -29.23 1.09
C ALA A 248 5.76 -29.23 2.57
N HIS A 249 7.05 -29.15 2.88
CA HIS A 249 7.45 -29.11 4.27
C HIS A 249 7.06 -27.82 4.91
N SER A 250 7.13 -26.74 4.12
CA SER A 250 6.76 -25.38 4.56
C SER A 250 5.85 -24.67 3.61
N VAL A 251 4.94 -23.88 4.17
CA VAL A 251 4.08 -23.06 3.31
C VAL A 251 4.22 -21.59 3.66
N ILE A 252 4.41 -20.76 2.65
CA ILE A 252 4.36 -19.32 2.80
C ILE A 252 3.06 -18.75 2.29
N VAL A 253 2.27 -18.20 3.19
CA VAL A 253 1.14 -17.37 2.85
C VAL A 253 1.56 -15.96 2.51
N ALA A 254 1.56 -15.65 1.22
CA ALA A 254 1.93 -14.32 0.74
C ALA A 254 0.73 -13.68 0.07
N THR A 255 -0.45 -14.05 0.52
CA THR A 255 -1.66 -13.43 0.07
C THR A 255 -2.04 -12.27 0.97
N PRO A 256 -2.97 -11.46 0.54
CA PRO A 256 -3.36 -10.29 1.31
C PRO A 256 -4.16 -10.69 2.55
N MET A 257 -3.89 -9.99 3.64
CA MET A 257 -4.48 -10.29 4.93
C MET A 257 -5.99 -10.44 4.90
N ASN A 258 -6.64 -9.60 4.12
CA ASN A 258 -8.08 -9.62 4.02
C ASN A 258 -8.60 -10.80 3.22
N THR A 259 -7.70 -11.63 2.70
CA THR A 259 -8.19 -12.90 2.07
C THR A 259 -7.92 -14.15 2.89
N TRP A 260 -7.17 -14.03 3.98
CA TRP A 260 -6.79 -15.18 4.76
C TRP A 260 -8.00 -15.88 5.36
N ARG A 261 -9.00 -15.08 5.70
CA ARG A 261 -10.28 -15.56 6.15
C ARG A 261 -11.00 -16.52 5.19
N ARG A 262 -10.64 -16.48 3.91
CA ARG A 262 -11.20 -17.40 2.93
C ARG A 262 -10.44 -18.72 2.80
N ILE A 263 -9.35 -18.87 3.53
CA ILE A 263 -8.64 -20.13 3.57
C ILE A 263 -8.97 -20.87 4.85
N VAL A 264 -9.16 -22.18 4.76
CA VAL A 264 -9.29 -23.02 5.93
C VAL A 264 -7.93 -23.49 6.44
N PHE A 265 -7.56 -23.05 7.64
CA PHE A 265 -6.32 -23.50 8.20
C PHE A 265 -6.62 -24.67 9.14
N THR A 266 -5.79 -25.72 9.06
CA THR A 266 -5.80 -26.85 10.00
C THR A 266 -4.42 -27.13 10.52
N PRO A 267 -4.25 -27.09 11.86
CA PRO A 267 -5.29 -26.70 12.79
C PRO A 267 -5.56 -25.18 12.66
N ALA A 268 -6.61 -24.71 13.36
CA ALA A 268 -7.00 -23.29 13.34
C ALA A 268 -5.84 -22.40 13.77
N LEU A 269 -5.79 -21.18 13.22
CA LEU A 269 -4.66 -20.25 13.52
C LEU A 269 -4.72 -19.83 15.00
N PRO A 270 -3.60 -19.37 15.58
CA PRO A 270 -3.63 -18.98 17.03
C PRO A 270 -4.78 -18.03 17.31
N GLU A 271 -5.50 -18.33 18.38
CA GLU A 271 -6.72 -17.60 18.73
C GLU A 271 -6.64 -16.05 18.72
N ARG A 272 -5.54 -15.52 19.19
CA ARG A 272 -5.34 -14.04 19.23
C ARG A 272 -5.41 -13.37 17.85
N ARG A 273 -5.03 -14.11 16.79
CA ARG A 273 -5.08 -13.60 15.43
C ARG A 273 -6.49 -13.60 14.87
N ARG A 274 -7.37 -14.46 15.40
CA ARG A 274 -8.55 -14.80 14.60
C ARG A 274 -9.52 -13.67 14.35
N SER A 275 -9.80 -12.85 15.35
CA SER A 275 -10.84 -11.88 15.08
C SER A 275 -10.33 -10.78 14.12
N VAL A 276 -9.06 -10.42 14.17
CA VAL A 276 -8.61 -9.38 13.23
C VAL A 276 -8.68 -9.94 11.82
N ILE A 277 -8.32 -11.24 11.72
CA ILE A 277 -8.40 -11.97 10.44
C ILE A 277 -9.80 -11.99 9.87
N GLU A 278 -10.77 -12.30 10.71
CA GLU A 278 -12.17 -12.31 10.32
C GLU A 278 -12.65 -10.93 9.90
N GLU A 279 -12.33 -9.92 10.70
CA GLU A 279 -12.80 -8.59 10.38
C GLU A 279 -12.10 -7.95 9.19
N GLY A 280 -10.83 -8.27 8.98
CA GLY A 280 -10.02 -7.57 8.02
C GLY A 280 -9.55 -6.22 8.50
N HIS A 281 -8.49 -5.71 7.89
CA HIS A 281 -8.05 -4.33 8.11
C HIS A 281 -9.04 -3.35 7.52
N GLY A 282 -8.93 -2.08 7.90
CA GLY A 282 -9.88 -1.13 7.38
C GLY A 282 -9.47 -0.25 6.19
N GLY A 283 -8.41 -0.58 5.47
CA GLY A 283 -8.02 0.36 4.45
C GLY A 283 -9.04 0.38 3.33
N GLN A 284 -9.33 1.61 2.81
CA GLN A 284 -10.27 1.83 1.72
C GLN A 284 -9.71 2.79 0.71
N GLY A 285 -8.37 2.86 0.58
CA GLY A 285 -7.79 3.83 -0.30
C GLY A 285 -8.34 3.61 -1.68
N LEU A 286 -8.60 4.70 -2.41
CA LEU A 286 -9.20 4.62 -3.69
C LEU A 286 -8.38 5.55 -4.59
N LYS A 287 -7.60 4.98 -5.51
CA LYS A 287 -6.81 5.73 -6.42
C LYS A 287 -7.49 5.82 -7.77
N ILE A 288 -7.76 7.03 -8.29
CA ILE A 288 -8.48 7.13 -9.55
C ILE A 288 -7.60 7.84 -10.51
N LEU A 289 -7.38 7.21 -11.68
CA LEU A 289 -6.67 7.86 -12.75
C LEU A 289 -7.72 8.63 -13.56
N ILE A 290 -7.57 9.94 -13.66
CA ILE A 290 -8.55 10.76 -14.34
C ILE A 290 -8.01 11.32 -15.63
N HIS A 291 -8.61 10.90 -16.73
CA HIS A 291 -8.31 11.42 -18.06
C HIS A 291 -8.96 12.79 -18.24
N VAL A 292 -8.14 13.79 -18.54
CA VAL A 292 -8.59 15.17 -18.58
C VAL A 292 -8.13 15.93 -19.80
N ARG A 293 -8.82 17.08 -20.06
CA ARG A 293 -8.38 18.04 -21.01
CA ARG A 293 -8.28 18.11 -20.95
C ARG A 293 -8.32 19.48 -20.28
N GLY A 294 -7.44 20.30 -20.73
CA GLY A 294 -7.37 21.66 -20.20
C GLY A 294 -6.54 21.82 -18.95
N ALA A 295 -5.91 20.73 -18.48
CA ALA A 295 -4.95 20.84 -17.37
C ALA A 295 -3.55 21.00 -17.95
N GLU A 296 -2.81 21.94 -17.39
CA GLU A 296 -1.40 22.07 -17.71
CA GLU A 296 -1.39 22.09 -17.70
C GLU A 296 -0.63 21.07 -16.87
N ALA A 297 0.59 20.77 -17.30
CA ALA A 297 1.50 19.90 -16.58
C ALA A 297 1.88 20.44 -15.22
N GLY A 298 2.16 19.54 -14.29
CA GLY A 298 2.80 19.87 -13.04
C GLY A 298 1.89 20.35 -11.93
N ILE A 299 0.60 20.08 -12.06
CA ILE A 299 -0.36 20.46 -11.03
C ILE A 299 -0.28 19.56 -9.82
N GLU A 300 -0.19 20.15 -8.63
CA GLU A 300 -0.61 19.53 -7.40
C GLU A 300 -1.69 20.31 -6.65
N CYS A 301 -2.70 19.59 -6.19
CA CYS A 301 -3.76 20.15 -5.38
C CYS A 301 -3.94 19.35 -4.08
N VAL A 302 -3.92 20.04 -2.95
CA VAL A 302 -4.19 19.43 -1.66
C VAL A 302 -5.27 20.32 -1.03
N GLY A 303 -6.24 19.73 -0.37
CA GLY A 303 -7.29 20.52 0.22
C GLY A 303 -8.36 19.78 0.98
N ASP A 304 -9.49 20.45 1.11
CA ASP A 304 -10.59 19.97 1.91
C ASP A 304 -11.67 19.30 1.04
N GLY A 305 -11.33 18.99 -0.20
CA GLY A 305 -12.26 18.36 -1.10
C GLY A 305 -12.47 16.89 -0.80
N ILE A 306 -13.52 16.32 -1.37
CA ILE A 306 -13.74 14.88 -1.37
C ILE A 306 -12.57 14.10 -1.96
N PHE A 307 -11.85 14.72 -2.88
CA PHE A 307 -10.46 14.38 -3.14
C PHE A 307 -9.51 15.25 -2.32
N PRO A 308 -8.96 14.69 -1.25
CA PRO A 308 -7.94 15.41 -0.50
C PRO A 308 -6.69 15.77 -1.34
N THR A 309 -6.30 14.87 -2.22
CA THR A 309 -5.26 15.15 -3.18
C THR A 309 -5.68 14.95 -4.62
N LEU A 310 -5.23 15.85 -5.48
CA LEU A 310 -5.32 15.68 -6.91
C LEU A 310 -4.08 16.22 -7.58
N TYR A 311 -3.35 15.35 -8.25
CA TYR A 311 -2.09 15.75 -8.86
C TYR A 311 -1.74 15.10 -10.19
N ASP A 312 -0.85 15.76 -10.92
CA ASP A 312 -0.42 15.29 -12.20
C ASP A 312 0.04 13.84 -12.21
N TYR A 313 -0.40 13.06 -13.18
CA TYR A 313 0.10 11.71 -13.34
C TYR A 313 0.90 11.52 -14.62
N CYS A 314 0.26 11.71 -15.77
CA CYS A 314 1.02 11.65 -17.02
C CYS A 314 0.48 12.47 -18.18
N GLU A 315 1.38 12.84 -19.08
CA GLU A 315 1.02 13.34 -20.39
C GLU A 315 0.34 12.28 -21.23
N VAL A 316 -0.81 12.63 -21.80
CA VAL A 316 -1.41 11.83 -22.84
C VAL A 316 -1.15 12.45 -24.20
N SER A 317 -1.43 13.74 -24.32
CA SER A 317 -1.14 14.49 -25.52
C SER A 317 -0.79 15.92 -25.14
N GLU A 318 -0.81 16.80 -26.13
CA GLU A 318 -0.51 18.18 -25.88
C GLU A 318 -1.63 18.85 -25.13
N SER A 319 -2.85 18.40 -25.36
CA SER A 319 -3.96 18.94 -24.61
C SER A 319 -4.49 18.00 -23.49
N GLU A 320 -4.08 16.71 -23.46
CA GLU A 320 -4.69 15.75 -22.55
C GLU A 320 -3.71 15.15 -21.52
N ARG A 321 -4.18 14.86 -20.30
CA ARG A 321 -3.32 14.21 -19.36
C ARG A 321 -4.12 13.23 -18.59
N LEU A 322 -3.44 12.39 -17.82
CA LEU A 322 -4.00 11.79 -16.64
C LEU A 322 -3.60 12.54 -15.39
N LEU A 323 -4.58 12.89 -14.58
CA LEU A 323 -4.37 13.19 -13.18
C LEU A 323 -4.60 11.96 -12.34
N VAL A 324 -4.09 11.99 -11.12
CA VAL A 324 -4.48 11.02 -10.12
C VAL A 324 -5.10 11.64 -8.89
N ALA A 325 -6.20 11.06 -8.46
CA ALA A 325 -6.87 11.45 -7.23
C ALA A 325 -6.82 10.31 -6.24
N PHE A 326 -6.65 10.65 -4.97
CA PHE A 326 -6.81 9.67 -3.91
C PHE A 326 -7.95 10.07 -2.98
N THR A 327 -8.76 9.11 -2.57
CA THR A 327 -9.89 9.37 -1.64
C THR A 327 -10.11 8.02 -1.03
N ASP A 328 -11.33 7.64 -0.66
CA ASP A 328 -11.50 6.26 -0.19
C ASP A 328 -12.89 5.81 -0.71
N SER A 329 -13.00 4.51 -0.87
CA SER A 329 -14.12 3.90 -1.58
C SER A 329 -15.35 3.90 -0.64
N GLY A 330 -15.18 4.13 0.66
CA GLY A 330 -16.38 4.32 1.53
C GLY A 330 -16.97 5.74 1.26
N SER A 331 -16.14 6.72 0.91
CA SER A 331 -16.65 8.08 0.87
C SER A 331 -17.06 8.47 -0.56
N PHE A 332 -16.55 7.76 -1.58
CA PHE A 332 -16.64 8.29 -2.95
C PHE A 332 -16.97 7.15 -3.93
N ASP A 333 -17.88 7.38 -4.88
CA ASP A 333 -18.15 6.34 -5.89
C ASP A 333 -17.51 6.77 -7.23
N PRO A 334 -16.45 6.06 -7.66
CA PRO A 334 -15.70 6.48 -8.82
C PRO A 334 -16.47 6.29 -10.14
N THR A 335 -17.54 5.50 -10.14
CA THR A 335 -18.28 5.33 -11.42
C THR A 335 -19.30 6.47 -11.64
N ASP A 336 -19.45 7.33 -10.61
CA ASP A 336 -20.35 8.51 -10.76
C ASP A 336 -19.53 9.67 -11.40
N ILE A 337 -19.50 9.75 -12.72
CA ILE A 337 -18.66 10.72 -13.41
C ILE A 337 -19.07 12.16 -13.05
N GLY A 338 -20.35 12.38 -12.81
CA GLY A 338 -20.79 13.68 -12.32
C GLY A 338 -20.08 14.08 -11.05
N ALA A 339 -19.99 13.16 -10.10
CA ALA A 339 -19.26 13.39 -8.87
C ALA A 339 -17.77 13.60 -9.08
N VAL A 340 -17.18 12.85 -10.00
CA VAL A 340 -15.79 13.08 -10.35
C VAL A 340 -15.52 14.49 -10.86
N LYS A 341 -16.40 14.97 -11.73
CA LYS A 341 -16.29 16.32 -12.29
C LYS A 341 -16.38 17.37 -11.20
N ASP A 342 -17.34 17.22 -10.30
CA ASP A 342 -17.47 18.15 -9.19
C ASP A 342 -16.20 18.17 -8.35
N ALA A 343 -15.66 16.99 -8.04
CA ALA A 343 -14.46 16.87 -7.23
C ALA A 343 -13.22 17.49 -7.88
N VAL A 344 -13.05 17.27 -9.17
CA VAL A 344 -12.01 17.91 -9.95
C VAL A 344 -12.21 19.42 -10.06
N LEU A 345 -13.39 19.84 -10.50
CA LEU A 345 -13.67 21.24 -10.72
C LEU A 345 -13.50 22.09 -9.47
N TYR A 346 -13.73 21.48 -8.31
CA TYR A 346 -13.47 22.14 -7.05
C TYR A 346 -12.07 22.76 -7.01
N TYR A 347 -11.07 21.99 -7.40
CA TYR A 347 -9.70 22.45 -7.42
C TYR A 347 -9.38 23.18 -8.73
N LEU A 348 -9.89 22.64 -9.82
CA LEU A 348 -9.48 23.04 -11.15
C LEU A 348 -10.68 23.28 -12.06
N PRO A 349 -11.24 24.48 -11.99
CA PRO A 349 -12.53 24.74 -12.61
C PRO A 349 -12.42 24.87 -14.12
N GLU A 350 -11.19 24.92 -14.61
CA GLU A 350 -10.94 24.98 -16.05
C GLU A 350 -10.81 23.61 -16.71
N VAL A 351 -10.77 22.56 -15.89
CA VAL A 351 -10.48 21.22 -16.36
C VAL A 351 -11.75 20.42 -16.62
N GLU A 352 -11.84 19.95 -17.84
CA GLU A 352 -12.71 18.95 -18.40
C GLU A 352 -12.39 17.47 -18.20
N VAL A 353 -13.23 16.76 -17.50
CA VAL A 353 -13.03 15.33 -17.28
C VAL A 353 -13.52 14.48 -18.44
N LEU A 354 -12.57 13.77 -19.06
CA LEU A 354 -12.86 12.88 -20.16
C LEU A 354 -13.21 11.45 -19.76
N GLY A 355 -12.73 10.99 -18.62
CA GLY A 355 -12.73 9.59 -18.30
C GLY A 355 -12.06 9.26 -16.99
N ILE A 356 -12.49 8.16 -16.37
CA ILE A 356 -11.81 7.59 -15.22
C ILE A 356 -11.45 6.11 -15.34
N ASP A 357 -10.39 5.73 -14.63
CA ASP A 357 -9.88 4.38 -14.58
C ASP A 357 -9.45 4.09 -13.14
N TYR A 358 -9.78 2.90 -12.67
CA TYR A 358 -9.37 2.45 -11.35
C TYR A 358 -9.51 0.94 -11.30
N HIS A 359 -8.97 0.34 -10.27
CA HIS A 359 -9.30 -1.02 -9.94
C HIS A 359 -10.07 -1.11 -8.63
N ASP A 360 -11.17 -1.84 -8.67
CA ASP A 360 -11.93 -2.16 -7.47
C ASP A 360 -11.28 -3.28 -6.64
N TRP A 361 -10.28 -2.91 -5.85
CA TRP A 361 -9.58 -3.83 -4.97
C TRP A 361 -10.47 -4.51 -3.95
N ILE A 362 -11.47 -3.80 -3.46
CA ILE A 362 -12.38 -4.31 -2.44
C ILE A 362 -13.24 -5.45 -2.97
N ALA A 363 -13.71 -5.31 -4.21
CA ALA A 363 -14.57 -6.28 -4.83
C ALA A 363 -13.82 -7.47 -5.42
N ASP A 364 -12.53 -7.29 -5.65
CA ASP A 364 -11.68 -8.33 -6.17
C ASP A 364 -11.46 -9.43 -5.14
N PRO A 365 -11.93 -10.62 -5.45
CA PRO A 365 -11.91 -11.73 -4.50
C PRO A 365 -10.49 -12.17 -4.13
N LEU A 366 -9.51 -11.80 -4.96
CA LEU A 366 -8.12 -12.05 -4.67
C LEU A 366 -7.43 -11.00 -3.79
N PHE A 367 -8.21 -10.06 -3.27
CA PHE A 367 -7.68 -8.94 -2.50
C PHE A 367 -8.57 -8.52 -1.35
N GLU A 368 -9.82 -8.22 -1.67
CA GLU A 368 -10.77 -7.72 -0.68
C GLU A 368 -10.22 -6.50 0.06
N GLY A 369 -9.55 -5.64 -0.69
CA GLY A 369 -8.99 -4.41 -0.16
C GLY A 369 -7.82 -3.87 -0.94
N PRO A 370 -7.54 -2.60 -0.75
CA PRO A 370 -6.30 -2.00 -1.22
C PRO A 370 -5.20 -2.21 -0.19
N TRP A 371 -4.28 -1.27 -0.09
CA TRP A 371 -3.20 -1.37 0.89
C TRP A 371 -3.71 -1.36 2.34
N VAL A 372 -2.91 -1.91 3.24
CA VAL A 372 -3.29 -2.04 4.64
C VAL A 372 -3.46 -0.72 5.38
N ALA A 373 -4.53 -0.62 6.16
CA ALA A 373 -4.59 0.28 7.29
C ALA A 373 -5.55 -0.28 8.34
N PRO A 374 -5.16 -0.29 9.61
CA PRO A 374 -5.99 -1.00 10.58
C PRO A 374 -7.21 -0.12 10.94
N ARG A 375 -8.24 -0.79 11.42
CA ARG A 375 -9.34 -0.11 12.02
C ARG A 375 -8.83 0.39 13.36
N VAL A 376 -9.50 1.39 13.91
CA VAL A 376 -9.13 1.91 15.24
C VAL A 376 -9.20 0.75 16.24
N GLY A 377 -8.18 0.62 17.10
CA GLY A 377 -8.22 -0.38 18.14
C GLY A 377 -7.66 -1.70 17.65
N GLN A 378 -7.52 -1.93 16.34
CA GLN A 378 -7.01 -3.24 15.92
C GLN A 378 -5.58 -3.53 16.28
N PHE A 379 -4.63 -2.67 15.84
CA PHE A 379 -3.21 -3.04 15.90
C PHE A 379 -2.54 -2.83 17.27
N SER A 380 -3.18 -2.08 18.17
CA SER A 380 -2.62 -2.04 19.51
C SER A 380 -3.10 -3.30 20.29
N ARG A 381 -3.96 -4.11 19.68
CA ARG A 381 -4.36 -5.42 20.22
C ARG A 381 -3.53 -6.58 19.66
N VAL A 382 -3.39 -6.62 18.35
CA VAL A 382 -2.61 -7.64 17.68
C VAL A 382 -2.02 -7.24 16.34
N HIS A 383 -0.71 -7.31 16.22
CA HIS A 383 -0.11 -6.78 15.06
C HIS A 383 1.09 -7.61 14.67
N LYS A 384 2.18 -7.56 15.44
CA LYS A 384 3.35 -8.31 15.12
C LYS A 384 2.99 -9.81 14.89
N GLU A 385 2.10 -10.31 15.72
CA GLU A 385 1.79 -11.70 15.63
C GLU A 385 1.16 -12.12 14.30
N LEU A 386 0.46 -11.20 13.61
CA LEU A 386 -0.14 -11.52 12.34
C LEU A 386 0.92 -11.97 11.33
N GLY A 387 2.13 -11.46 11.46
CA GLY A 387 3.21 -11.83 10.48
C GLY A 387 4.20 -12.89 11.00
N GLU A 388 3.83 -13.56 12.10
CA GLU A 388 4.68 -14.60 12.68
C GLU A 388 4.19 -16.01 12.28
N PRO A 389 5.09 -16.99 12.18
CA PRO A 389 4.70 -18.36 11.67
C PRO A 389 3.73 -18.97 12.64
N ALA A 390 2.80 -19.79 12.14
CA ALA A 390 2.04 -20.72 12.98
C ALA A 390 2.50 -22.10 12.55
N GLY A 391 3.31 -22.76 13.40
CA GLY A 391 3.95 -24.05 13.00
C GLY A 391 4.75 -23.87 11.70
N ARG A 392 4.38 -24.58 10.60
CA ARG A 392 5.17 -24.52 9.36
C ARG A 392 4.60 -23.52 8.34
N ILE A 393 3.64 -22.75 8.77
CA ILE A 393 2.97 -21.78 7.89
C ILE A 393 3.46 -20.38 8.26
N HIS A 394 4.11 -19.74 7.31
CA HIS A 394 4.59 -18.38 7.45
C HIS A 394 3.63 -17.42 6.81
N PHE A 395 3.59 -16.22 7.36
CA PHE A 395 2.74 -15.16 6.87
C PHE A 395 3.56 -13.95 6.52
N VAL A 396 3.46 -13.53 5.27
CA VAL A 396 4.29 -12.45 4.76
C VAL A 396 3.44 -11.48 3.95
N GLY A 397 4.07 -10.43 3.48
CA GLY A 397 3.37 -9.42 2.71
C GLY A 397 3.46 -8.03 3.30
N SER A 398 3.37 -7.05 2.43
CA SER A 398 3.14 -5.67 2.82
C SER A 398 2.20 -5.45 4.00
N ASP A 399 1.08 -6.14 4.01
CA ASP A 399 0.06 -5.96 5.02
C ASP A 399 0.58 -6.12 6.43
N VAL A 400 1.59 -6.97 6.60
CA VAL A 400 2.08 -7.36 7.92
C VAL A 400 3.51 -6.92 8.22
N SER A 401 4.09 -6.12 7.34
CA SER A 401 5.39 -5.55 7.58
C SER A 401 5.36 -4.61 8.77
N LEU A 402 6.27 -4.79 9.71
CA LEU A 402 6.42 -3.84 10.85
C LEU A 402 7.15 -2.55 10.47
N GLU A 403 7.75 -2.59 9.31
CA GLU A 403 8.74 -1.61 8.99
C GLU A 403 8.33 -0.76 7.84
N PHE A 404 7.69 -1.34 6.83
CA PHE A 404 7.21 -0.52 5.72
CA PHE A 404 7.30 -0.59 5.66
C PHE A 404 5.88 -1.05 5.20
N PRO A 405 4.85 -1.03 6.10
CA PRO A 405 3.58 -1.59 5.70
C PRO A 405 2.91 -0.80 4.63
N GLY A 406 2.39 -1.50 3.61
CA GLY A 406 1.64 -0.83 2.58
C GLY A 406 2.51 -0.43 1.41
N TYR A 407 3.81 -0.71 1.47
CA TYR A 407 4.73 -0.41 0.38
C TYR A 407 5.38 -1.70 -0.18
N ILE A 408 5.93 -1.65 -1.41
CA ILE A 408 6.64 -2.79 -1.93
C ILE A 408 7.78 -3.21 -1.00
N GLU A 409 8.49 -2.23 -0.47
CA GLU A 409 9.59 -2.54 0.42
C GLU A 409 9.18 -3.49 1.54
N GLY A 410 7.96 -3.35 2.03
CA GLY A 410 7.45 -4.18 3.09
C GLY A 410 7.14 -5.60 2.66
N ALA A 411 6.71 -5.76 1.41
CA ALA A 411 6.62 -7.06 0.79
C ALA A 411 7.95 -7.79 0.70
N LEU A 412 9.00 -7.07 0.32
CA LEU A 412 10.34 -7.62 0.27
C LEU A 412 10.89 -7.98 1.65
N GLU A 413 10.66 -7.10 2.62
CA GLU A 413 11.20 -7.26 3.96
C GLU A 413 10.64 -8.48 4.68
N THR A 414 9.32 -8.65 4.64
CA THR A 414 8.66 -9.79 5.21
C THR A 414 9.08 -11.12 4.57
N ALA A 415 9.24 -11.13 3.25
CA ALA A 415 9.72 -12.29 2.52
C ALA A 415 11.14 -12.69 2.92
N GLU A 416 12.04 -11.72 2.91
CA GLU A 416 13.38 -11.88 3.46
C GLU A 416 13.41 -12.59 4.81
N CYS A 417 12.59 -12.13 5.74
CA CYS A 417 12.48 -12.73 7.06
CA CYS A 417 12.57 -12.78 7.03
C CYS A 417 11.96 -14.18 7.02
N ALA A 418 10.88 -14.44 6.28
CA ALA A 418 10.42 -15.86 6.15
C ALA A 418 11.48 -16.74 5.49
N VAL A 419 12.16 -16.20 4.48
CA VAL A 419 13.16 -16.99 3.75
C VAL A 419 14.27 -17.41 4.75
N ASN A 420 14.81 -16.45 5.48
CA ASN A 420 15.91 -16.75 6.42
C ASN A 420 15.45 -17.76 7.45
N ALA A 421 14.23 -17.59 7.95
CA ALA A 421 13.74 -18.47 8.96
C ALA A 421 13.70 -19.88 8.36
N ILE A 422 13.26 -20.04 7.12
CA ILE A 422 13.15 -21.38 6.53
C ILE A 422 14.54 -22.01 6.33
N LEU A 423 15.50 -21.19 5.87
CA LEU A 423 16.84 -21.65 5.64
C LEU A 423 17.49 -22.16 6.95
N HIS A 424 17.20 -21.55 8.09
CA HIS A 424 17.64 -22.10 9.36
C HIS A 424 16.82 -23.31 9.87
N SER A 425 15.50 -23.25 9.82
CA SER A 425 14.58 -24.42 9.71
C SER A 425 13.30 -24.33 10.54
#